data_6FXS
#
_entry.id   6FXS
#
_cell.length_a   97.800
_cell.length_b   97.800
_cell.length_c   84.180
_cell.angle_alpha   90.00
_cell.angle_beta   90.00
_cell.angle_gamma   90.00
#
_symmetry.space_group_name_H-M   'P 41 2 2'
#
loop_
_entity.id
_entity.type
_entity.pdbx_description
1 polymer 'Ribose 5-phosphate isomerase, putative'
2 polymer 'Ribose 5-phosphate isomerase, putative'
3 non-polymer 'SULFATE ION'
4 water water
#
loop_
_entity_poly.entity_id
_entity_poly.type
_entity_poly.pdbx_seq_one_letter_code
_entity_poly.pdbx_strand_id
1 'polypeptide(L)'
;MGSSHHHHHHSSGLVPRGSHMTRKVAIGADHIGFPIHESIVRYVREAGEEFEPVYIGPHSLERVDYPDYALNVARMVARG
EADVGILV(CSD)GSGIGMSIAANKVPGIRAALCFDHYTAVMARQHNDANVVCLGERTTGPAVLREIIMTFLQTPYSGED
RHTQRLEKIKAAESNTNGC
;
A
2 'polypeptide(L)'
;MGSSHHHHHHSSGLVPRGSHMTRKVAIGADHIGFPIHESIVRYVREAGEEFEPVYIGPHSLERVDYPDYALNVARMVARG
EADVGILVCGSGIGMSIAANKVPGIRAALCFDHYTAVMARQHNDANVVCLGERTTGPAVLREIIMTFLQTPYSGEDRHTQ
RLEKIKAAESNTNGC
;
B
#
loop_
_chem_comp.id
_chem_comp.type
_chem_comp.name
_chem_comp.formula
SO4 non-polymer 'SULFATE ION' 'O4 S -2'
#
# COMPACT_ATOMS: atom_id res chain seq x y z
N MET A 21 -8.67 23.44 16.79
CA MET A 21 -7.68 23.38 15.73
C MET A 21 -6.67 22.20 15.92
N THR A 22 -6.44 21.64 17.09
CA THR A 22 -5.40 20.54 17.21
C THR A 22 -5.78 19.25 16.45
N ARG A 23 -4.86 18.78 15.60
CA ARG A 23 -5.01 17.52 14.86
C ARG A 23 -3.99 16.54 15.39
N LYS A 24 -4.46 15.49 16.08
CA LYS A 24 -3.63 14.47 16.62
C LYS A 24 -3.29 13.50 15.56
N VAL A 25 -2.01 13.15 15.52
CA VAL A 25 -1.42 12.25 14.51
C VAL A 25 -0.93 11.05 15.30
N ALA A 26 -1.58 9.90 15.16
CA ALA A 26 -1.14 8.71 15.85
C ALA A 26 -0.05 7.98 15.05
N ILE A 27 1.01 7.58 15.72
CA ILE A 27 2.20 7.04 15.07
C ILE A 27 2.46 5.70 15.67
N GLY A 28 2.64 4.71 14.80
CA GLY A 28 2.87 3.34 15.25
C GLY A 28 3.99 2.74 14.47
N ALA A 29 4.69 1.78 15.06
CA ALA A 29 5.82 1.14 14.38
C ALA A 29 5.91 -0.32 14.69
N ASP A 30 6.93 -1.00 14.17
CA ASP A 30 7.37 -2.25 14.85
C ASP A 30 8.76 -2.00 15.35
N HIS A 31 9.44 -3.09 15.70
CA HIS A 31 10.78 -2.96 16.24
C HIS A 31 11.82 -2.51 15.20
N ILE A 32 11.50 -2.64 13.90
CA ILE A 32 12.35 -2.16 12.84
C ILE A 32 12.19 -0.65 12.66
N GLY A 33 10.95 -0.16 12.81
CA GLY A 33 10.75 1.26 12.85
C GLY A 33 11.11 1.93 14.14
N PHE A 34 11.03 1.21 15.25
CA PHE A 34 11.30 1.78 16.55
C PHE A 34 12.53 2.73 16.60
N PRO A 35 13.68 2.33 16.04
CA PRO A 35 14.88 3.17 16.22
C PRO A 35 14.73 4.60 15.65
N ILE A 36 13.82 4.84 14.70
CA ILE A 36 13.64 6.21 14.18
C ILE A 36 12.36 6.90 14.63
N HIS A 37 11.63 6.36 15.63
CA HIS A 37 10.34 6.95 16.03
C HIS A 37 10.43 8.39 16.54
N GLU A 38 11.50 8.72 17.22
CA GLU A 38 11.71 10.10 17.70
C GLU A 38 11.74 11.13 16.58
N SER A 39 12.45 10.79 15.50
CA SER A 39 12.52 11.69 14.32
C SER A 39 11.10 11.86 13.66
N ILE A 40 10.34 10.77 13.61
CA ILE A 40 8.98 10.81 13.10
C ILE A 40 8.11 11.74 13.93
N VAL A 41 8.25 11.65 15.25
CA VAL A 41 7.49 12.54 16.16
C VAL A 41 7.81 14.01 15.84
N ARG A 42 9.09 14.31 15.67
CA ARG A 42 9.48 15.68 15.34
C ARG A 42 8.96 16.18 13.99
N TYR A 43 9.09 15.36 12.96
CA TYR A 43 8.67 15.71 11.62
C TYR A 43 7.19 16.08 11.65
N VAL A 44 6.41 15.41 12.47
CA VAL A 44 4.98 15.79 12.62
C VAL A 44 4.77 17.16 13.29
N ARG A 45 5.38 17.31 14.47
CA ARG A 45 5.20 18.50 15.22
C ARG A 45 5.69 19.74 14.45
N GLU A 46 6.72 19.57 13.61
CA GLU A 46 7.26 20.67 12.79
C GLU A 46 6.60 20.89 11.48
N ALA A 47 5.66 20.03 11.11
CA ALA A 47 4.90 20.13 9.84
C ALA A 47 3.83 21.22 9.86
N GLY A 48 3.38 21.64 11.02
CA GLY A 48 2.40 22.72 11.06
C GLY A 48 1.99 22.97 12.48
N GLU A 49 1.40 24.14 12.72
CA GLU A 49 1.08 24.55 14.07
C GLU A 49 0.11 23.63 14.84
N GLU A 50 -0.81 23.02 14.12
CA GLU A 50 -1.93 22.26 14.69
C GLU A 50 -1.66 20.75 14.89
N PHE A 51 -0.59 20.23 14.29
CA PHE A 51 -0.33 18.80 14.37
C PHE A 51 0.39 18.42 15.62
N GLU A 52 -0.17 17.43 16.32
CA GLU A 52 0.49 16.91 17.50
C GLU A 52 0.58 15.43 17.46
N PRO A 53 1.79 14.91 17.64
CA PRO A 53 1.95 13.50 17.56
C PRO A 53 1.68 12.71 18.84
N VAL A 54 1.23 11.45 18.67
CA VAL A 54 1.09 10.52 19.78
C VAL A 54 1.67 9.21 19.27
N TYR A 55 2.75 8.80 19.91
CA TYR A 55 3.45 7.64 19.53
C TYR A 55 2.82 6.49 20.35
N ILE A 56 2.37 5.43 19.69
CA ILE A 56 1.61 4.38 20.46
C ILE A 56 2.45 3.17 20.76
N GLY A 57 3.65 3.11 20.23
CA GLY A 57 4.56 1.98 20.53
C GLY A 57 5.06 1.37 19.23
N PRO A 58 6.00 0.42 19.29
CA PRO A 58 6.45 -0.09 20.58
C PRO A 58 7.53 0.75 21.24
N HIS A 59 7.89 0.35 22.47
CA HIS A 59 8.84 1.05 23.35
C HIS A 59 10.19 0.38 23.58
N SER A 60 10.54 -0.62 22.76
CA SER A 60 11.87 -1.19 22.76
C SER A 60 12.22 -1.83 21.42
N LEU A 61 13.45 -2.39 21.38
CA LEU A 61 13.90 -3.25 20.32
C LEU A 61 13.32 -4.65 20.43
N GLU A 62 12.60 -5.01 21.49
CA GLU A 62 12.00 -6.40 21.51
C GLU A 62 11.17 -6.67 20.23
N ARG A 63 11.28 -7.85 19.59
CA ARG A 63 10.54 -8.11 18.35
C ARG A 63 9.05 -8.04 18.66
N VAL A 64 8.27 -7.46 17.77
CA VAL A 64 6.80 -7.35 17.94
C VAL A 64 6.22 -7.53 16.53
N ASP A 65 4.91 -7.56 16.47
CA ASP A 65 4.20 -7.83 15.27
C ASP A 65 3.54 -6.56 14.74
N TYR A 66 4.00 -6.13 13.57
CA TYR A 66 3.50 -4.90 12.96
C TYR A 66 1.96 -4.76 12.90
N PRO A 67 1.20 -5.86 12.63
CA PRO A 67 -0.24 -5.69 12.55
C PRO A 67 -0.90 -5.19 13.82
N ASP A 68 -0.34 -5.51 14.98
CA ASP A 68 -0.93 -5.06 16.25
C ASP A 68 -0.88 -3.53 16.35
N TYR A 69 0.24 -2.91 15.88
CA TYR A 69 0.38 -1.43 15.95
C TYR A 69 -0.35 -0.83 14.77
N ALA A 70 -0.24 -1.44 13.58
CA ALA A 70 -1.05 -0.99 12.44
C ALA A 70 -2.54 -0.89 12.78
N LEU A 71 -3.08 -1.94 13.41
CA LEU A 71 -4.49 -2.00 13.68
C LEU A 71 -4.87 -1.06 14.78
N ASN A 72 -3.99 -0.87 15.75
CA ASN A 72 -4.30 0.08 16.85
C ASN A 72 -4.39 1.54 16.28
N VAL A 73 -3.43 1.95 15.46
CA VAL A 73 -3.46 3.30 14.87
C VAL A 73 -4.65 3.45 13.96
N ALA A 74 -4.83 2.46 13.07
CA ALA A 74 -5.93 2.56 12.10
C ALA A 74 -7.30 2.68 12.79
N ARG A 75 -7.50 1.87 13.80
CA ARG A 75 -8.72 1.99 14.64
C ARG A 75 -8.88 3.32 15.40
N MET A 76 -7.77 3.87 15.88
CA MET A 76 -7.83 5.24 16.39
C MET A 76 -8.28 6.23 15.40
N VAL A 77 -7.72 6.18 14.21
CA VAL A 77 -8.09 7.07 13.15
C VAL A 77 -9.57 6.82 12.75
N ALA A 78 -9.94 5.57 12.58
CA ALA A 78 -11.31 5.23 12.17
C ALA A 78 -12.37 5.73 13.21
N ARG A 79 -12.04 5.70 14.49
CA ARG A 79 -12.99 6.14 15.52
C ARG A 79 -12.94 7.64 15.76
N GLY A 80 -12.05 8.39 15.10
CA GLY A 80 -11.92 9.82 15.38
C GLY A 80 -11.14 10.14 16.66
N GLU A 81 -10.45 9.17 17.28
CA GLU A 81 -9.50 9.47 18.35
C GLU A 81 -8.21 10.15 17.81
N ALA A 82 -7.88 9.98 16.53
CA ALA A 82 -6.74 10.72 15.93
C ALA A 82 -7.23 11.09 14.55
N ASP A 83 -6.68 12.13 13.96
CA ASP A 83 -7.11 12.59 12.63
C ASP A 83 -6.35 11.94 11.49
N VAL A 84 -5.10 11.57 11.72
CA VAL A 84 -4.18 11.01 10.76
C VAL A 84 -3.33 9.97 11.47
N GLY A 85 -2.92 8.96 10.71
CA GLY A 85 -2.02 7.97 11.17
C GLY A 85 -0.74 7.93 10.40
N ILE A 86 0.34 7.55 11.08
CA ILE A 86 1.62 7.26 10.43
C ILE A 86 2.10 5.93 10.95
N LEU A 87 2.51 5.04 10.03
CA LEU A 87 3.00 3.73 10.41
C LEU A 87 4.36 3.49 9.76
N VAL A 88 5.29 2.96 10.52
CA VAL A 88 6.64 2.73 10.08
C VAL A 88 7.07 1.27 10.37
N CSD A 89 7.44 0.52 9.32
CA CSD A 89 8.04 -0.83 9.48
CB CSD A 89 7.00 -1.96 9.24
SG CSD A 89 6.59 -2.33 7.53
C CSD A 89 9.25 -0.77 8.56
O CSD A 89 9.67 0.30 8.15
OD1 CSD A 89 5.67 -1.31 7.51
OD2 CSD A 89 5.44 -3.48 7.72
N GLY A 90 9.77 -1.92 8.17
CA GLY A 90 10.98 -1.96 7.32
C GLY A 90 10.71 -1.37 5.94
N SER A 91 9.57 -1.76 5.33
CA SER A 91 9.26 -1.33 3.97
C SER A 91 8.03 -0.51 3.83
N GLY A 92 7.19 -0.46 4.85
CA GLY A 92 5.90 0.16 4.82
C GLY A 92 4.79 -0.78 4.32
N ILE A 93 5.17 -1.86 3.67
CA ILE A 93 4.18 -2.72 3.02
C ILE A 93 3.27 -3.42 3.95
N GLY A 94 3.81 -4.08 4.98
CA GLY A 94 2.98 -4.77 5.94
C GLY A 94 2.04 -3.81 6.65
N MET A 95 2.54 -2.65 7.01
CA MET A 95 1.63 -1.64 7.63
C MET A 95 0.47 -1.27 6.70
N SER A 96 0.75 -1.05 5.44
CA SER A 96 -0.30 -0.62 4.53
C SER A 96 -1.34 -1.77 4.33
N ILE A 97 -0.87 -3.00 4.21
CA ILE A 97 -1.80 -4.16 4.11
C ILE A 97 -2.71 -4.24 5.32
N ALA A 98 -2.12 -4.21 6.52
CA ALA A 98 -2.90 -4.35 7.76
C ALA A 98 -3.86 -3.19 7.99
N ALA A 99 -3.36 -1.95 7.85
CA ALA A 99 -4.16 -0.83 8.16
C ALA A 99 -5.40 -0.72 7.22
N ASN A 100 -5.21 -1.12 5.97
CA ASN A 100 -6.30 -1.06 5.00
C ASN A 100 -7.46 -2.04 5.29
N LYS A 101 -7.22 -2.99 6.18
CA LYS A 101 -8.27 -3.90 6.60
C LYS A 101 -9.31 -3.25 7.50
N VAL A 102 -9.06 -2.05 8.03
CA VAL A 102 -9.98 -1.35 8.91
C VAL A 102 -10.89 -0.52 8.07
N PRO A 103 -12.21 -0.70 8.27
CA PRO A 103 -13.12 0.14 7.50
C PRO A 103 -12.99 1.63 7.77
N GLY A 104 -13.09 2.48 6.75
CA GLY A 104 -12.87 3.92 6.87
C GLY A 104 -11.39 4.34 6.71
N ILE A 105 -10.45 3.37 6.66
CA ILE A 105 -9.03 3.67 6.47
C ILE A 105 -8.60 3.57 5.06
N ARG A 106 -7.87 4.58 4.61
CA ARG A 106 -7.21 4.62 3.35
C ARG A 106 -5.72 4.88 3.62
N ALA A 107 -4.99 3.81 3.58
CA ALA A 107 -3.55 3.76 4.01
C ALA A 107 -2.66 3.67 2.80
N ALA A 108 -1.85 4.70 2.64
CA ALA A 108 -0.98 4.88 1.48
C ALA A 108 0.48 4.67 1.78
N LEU A 109 1.10 3.70 1.07
CA LEU A 109 2.53 3.54 1.03
CA LEU A 109 2.53 3.59 1.11
C LEU A 109 3.13 4.67 0.23
N CYS A 110 3.92 5.56 0.85
CA CYS A 110 4.58 6.64 0.16
C CYS A 110 6.08 6.53 0.29
N PHE A 111 6.77 6.86 -0.79
CA PHE A 111 8.25 6.80 -0.85
C PHE A 111 8.87 8.01 -1.43
N ASP A 112 8.07 9.03 -1.78
CA ASP A 112 8.60 10.31 -2.24
C ASP A 112 7.54 11.37 -2.15
N HIS A 113 7.89 12.60 -2.49
CA HIS A 113 7.01 13.76 -2.51
C HIS A 113 5.78 13.56 -3.42
N TYR A 114 5.99 13.00 -4.60
CA TYR A 114 4.94 12.80 -5.58
C TYR A 114 3.88 11.85 -5.06
N THR A 115 4.28 10.69 -4.53
CA THR A 115 3.32 9.80 -3.97
C THR A 115 2.57 10.36 -2.77
N ALA A 116 3.29 11.09 -1.91
CA ALA A 116 2.61 11.78 -0.79
C ALA A 116 1.53 12.75 -1.24
N VAL A 117 1.82 13.50 -2.30
CA VAL A 117 0.85 14.44 -2.84
C VAL A 117 -0.35 13.65 -3.41
N MET A 118 -0.09 12.65 -4.22
CA MET A 118 -1.19 11.94 -4.82
C MET A 118 -2.02 11.19 -3.81
N ALA A 119 -1.39 10.59 -2.80
CA ALA A 119 -2.13 9.88 -1.77
C ALA A 119 -3.22 10.77 -1.15
N ARG A 120 -2.84 12.02 -0.85
CA ARG A 120 -3.81 12.99 -0.32
C ARG A 120 -4.82 13.52 -1.41
N GLN A 121 -4.26 14.02 -2.48
CA GLN A 121 -5.05 14.75 -3.49
C GLN A 121 -6.11 13.85 -4.22
N HIS A 122 -5.70 12.62 -4.56
CA HIS A 122 -6.54 11.62 -5.21
C HIS A 122 -7.22 10.67 -4.30
N ASN A 123 -6.52 10.16 -3.26
CA ASN A 123 -7.03 9.04 -2.46
C ASN A 123 -7.56 9.49 -1.11
N ASP A 124 -7.49 10.78 -0.81
CA ASP A 124 -7.80 11.28 0.52
C ASP A 124 -7.24 10.36 1.65
N ALA A 125 -5.99 9.93 1.50
CA ALA A 125 -5.48 8.93 2.44
C ALA A 125 -5.46 9.54 3.85
N ASN A 126 -5.79 8.72 4.83
CA ASN A 126 -5.77 9.16 6.23
C ASN A 126 -4.67 8.47 7.08
N VAL A 127 -3.90 7.58 6.47
CA VAL A 127 -2.79 6.87 7.02
C VAL A 127 -1.68 6.83 5.99
N VAL A 128 -0.45 7.13 6.42
CA VAL A 128 0.69 7.04 5.56
C VAL A 128 1.66 6.01 6.15
N CYS A 129 2.20 5.17 5.27
CA CYS A 129 2.97 3.99 5.65
C CYS A 129 4.32 4.18 5.05
N LEU A 130 5.35 3.96 5.85
CA LEU A 130 6.70 4.25 5.47
C LEU A 130 7.65 3.15 5.82
N GLY A 131 8.74 3.13 5.11
CA GLY A 131 9.75 2.07 5.21
C GLY A 131 11.05 2.72 5.78
N GLU A 132 11.43 2.32 6.98
CA GLU A 132 12.71 2.76 7.61
C GLU A 132 13.87 2.18 6.88
N ARG A 133 13.72 0.99 6.33
CA ARG A 133 14.86 0.33 5.68
C ARG A 133 15.07 0.84 4.27
N THR A 134 14.03 1.42 3.69
CA THR A 134 14.09 1.88 2.28
C THR A 134 14.33 3.34 2.09
N THR A 135 13.70 4.20 2.88
CA THR A 135 13.67 5.61 2.60
C THR A 135 14.45 6.35 3.71
N GLY A 136 15.33 7.25 3.31
CA GLY A 136 16.22 7.99 4.18
C GLY A 136 15.47 9.11 4.90
N PRO A 137 16.06 9.58 5.98
CA PRO A 137 15.40 10.53 6.85
C PRO A 137 14.89 11.83 6.24
N ALA A 138 15.62 12.48 5.35
CA ALA A 138 15.12 13.76 4.78
C ALA A 138 13.91 13.51 3.90
N VAL A 139 13.86 12.33 3.26
CA VAL A 139 12.72 11.97 2.44
C VAL A 139 11.51 11.55 3.27
N LEU A 140 11.76 10.84 4.36
CA LEU A 140 10.70 10.53 5.31
C LEU A 140 10.10 11.83 5.86
N ARG A 141 10.97 12.80 6.22
CA ARG A 141 10.49 14.13 6.66
C ARG A 141 9.62 14.78 5.59
N GLU A 142 10.12 14.84 4.38
CA GLU A 142 9.40 15.48 3.32
C GLU A 142 8.05 14.84 3.00
N ILE A 143 8.03 13.51 3.01
CA ILE A 143 6.76 12.75 2.86
C ILE A 143 5.77 13.14 3.91
N ILE A 144 6.19 13.12 5.17
CA ILE A 144 5.29 13.47 6.27
C ILE A 144 4.73 14.89 6.17
N MET A 145 5.65 15.85 5.96
CA MET A 145 5.29 17.27 5.76
C MET A 145 4.24 17.37 4.65
N THR A 146 4.57 16.81 3.50
CA THR A 146 3.67 16.83 2.34
C THR A 146 2.33 16.17 2.58
N PHE A 147 2.34 15.00 3.23
CA PHE A 147 1.10 14.29 3.51
C PHE A 147 0.15 15.05 4.45
N LEU A 148 0.72 15.64 5.48
CA LEU A 148 -0.02 16.47 6.46
C LEU A 148 -0.50 17.78 5.90
N GLN A 149 0.26 18.38 4.98
CA GLN A 149 -0.11 19.67 4.40
C GLN A 149 -0.94 19.65 3.17
N THR A 150 -1.07 18.51 2.49
CA THR A 150 -1.72 18.49 1.17
C THR A 150 -3.23 18.21 1.40
N PRO A 151 -4.10 19.07 0.81
CA PRO A 151 -5.50 18.77 0.96
C PRO A 151 -6.00 17.69 -0.06
N TYR A 152 -7.11 17.08 0.25
CA TYR A 152 -7.82 16.29 -0.70
C TYR A 152 -8.38 17.17 -1.88
N SER A 153 -8.33 16.70 -3.15
CA SER A 153 -8.78 17.55 -4.25
C SER A 153 -10.29 18.03 -4.13
N GLY A 154 -11.15 17.23 -3.47
CA GLY A 154 -12.60 17.49 -3.38
C GLY A 154 -13.39 17.16 -4.68
N GLU A 155 -12.75 16.63 -5.70
CA GLU A 155 -13.39 16.47 -6.96
C GLU A 155 -14.26 15.22 -7.06
N ASP A 156 -15.37 15.39 -7.78
CA ASP A 156 -16.34 14.31 -8.01
C ASP A 156 -15.75 13.03 -8.56
N ARG A 157 -14.87 13.10 -9.54
CA ARG A 157 -14.36 11.86 -10.12
C ARG A 157 -13.54 11.06 -9.02
N HIS A 158 -12.86 11.76 -8.11
CA HIS A 158 -12.12 11.05 -7.07
C HIS A 158 -13.06 10.53 -6.04
N THR A 159 -14.08 11.31 -5.69
CA THR A 159 -15.02 10.92 -4.67
C THR A 159 -15.82 9.68 -5.05
N GLN A 160 -16.18 9.60 -6.32
CA GLN A 160 -16.92 8.42 -6.80
C GLN A 160 -16.01 7.18 -6.66
N ARG A 161 -14.71 7.36 -6.92
CA ARG A 161 -13.80 6.24 -6.69
C ARG A 161 -13.73 5.84 -5.24
N LEU A 162 -13.63 6.83 -4.35
CA LEU A 162 -13.61 6.54 -2.93
C LEU A 162 -14.90 5.89 -2.41
N GLU A 163 -16.05 6.25 -2.97
CA GLU A 163 -17.32 5.60 -2.56
C GLU A 163 -17.32 4.11 -2.95
N LYS A 164 -16.74 3.78 -4.10
CA LYS A 164 -16.57 2.37 -4.45
C LYS A 164 -15.67 1.60 -3.55
N ILE A 165 -14.62 2.24 -3.02
CA ILE A 165 -13.80 1.56 -2.01
C ILE A 165 -14.64 1.34 -0.73
N LYS A 166 -15.40 2.34 -0.30
CA LYS A 166 -16.20 2.18 0.90
C LYS A 166 -17.32 1.11 0.72
N ALA A 167 -17.91 1.03 -0.47
CA ALA A 167 -18.90 -0.08 -0.77
C ALA A 167 -18.29 -1.51 -0.56
N ALA A 168 -17.03 -1.68 -0.98
CA ALA A 168 -16.33 -2.93 -0.83
C ALA A 168 -16.03 -3.27 0.62
N GLU A 169 -16.01 -2.30 1.52
CA GLU A 169 -15.91 -2.60 2.94
C GLU A 169 -17.28 -3.17 3.28
N THR B 22 1.61 -24.23 -13.65
CA THR B 22 0.98 -22.96 -14.20
C THR B 22 0.53 -22.04 -13.09
N ARG B 23 0.83 -20.76 -13.24
CA ARG B 23 0.38 -19.75 -12.31
C ARG B 23 -0.37 -18.71 -13.14
N LYS B 24 -1.66 -18.51 -12.85
CA LYS B 24 -2.43 -17.49 -13.53
C LYS B 24 -2.24 -16.13 -12.83
N VAL B 25 -1.99 -15.10 -13.62
CA VAL B 25 -1.65 -13.78 -13.14
C VAL B 25 -2.68 -12.86 -13.68
N ALA B 26 -3.66 -12.49 -12.86
CA ALA B 26 -4.68 -11.57 -13.30
C ALA B 26 -4.06 -10.16 -13.27
N ILE B 27 -4.29 -9.40 -14.34
CA ILE B 27 -3.74 -8.07 -14.53
C ILE B 27 -4.90 -7.09 -14.76
N GLY B 28 -4.90 -6.00 -14.00
CA GLY B 28 -5.87 -4.94 -14.12
C GLY B 28 -5.21 -3.59 -14.14
N ALA B 29 -5.87 -2.64 -14.79
CA ALA B 29 -5.42 -1.28 -14.81
C ALA B 29 -6.55 -0.29 -14.64
N ASP B 30 -6.21 1.00 -14.69
CA ASP B 30 -7.22 1.99 -15.06
C ASP B 30 -6.81 2.62 -16.36
N HIS B 31 -7.43 3.73 -16.71
CA HIS B 31 -7.04 4.43 -17.94
C HIS B 31 -5.64 5.00 -17.99
N ILE B 32 -5.13 5.31 -16.80
CA ILE B 32 -3.78 5.82 -16.66
C ILE B 32 -2.76 4.69 -16.89
N GLY B 33 -3.01 3.51 -16.32
CA GLY B 33 -2.18 2.33 -16.59
C GLY B 33 -2.41 1.67 -17.96
N PHE B 34 -3.62 1.78 -18.49
CA PHE B 34 -3.91 1.24 -19.85
C PHE B 34 -2.79 1.40 -20.88
N PRO B 35 -2.24 2.59 -21.09
CA PRO B 35 -1.26 2.64 -22.20
C PRO B 35 -0.06 1.73 -22.06
N ILE B 36 0.26 1.17 -20.87
CA ILE B 36 1.44 0.32 -20.80
C ILE B 36 1.10 -1.15 -20.57
N HIS B 37 -0.20 -1.51 -20.60
CA HIS B 37 -0.63 -2.83 -20.19
C HIS B 37 -0.04 -3.93 -21.04
N GLU B 38 0.23 -3.65 -22.30
CA GLU B 38 0.85 -4.69 -23.16
C GLU B 38 2.27 -5.00 -22.75
N SER B 39 3.02 -3.97 -22.34
CA SER B 39 4.36 -4.20 -21.77
C SER B 39 4.21 -5.03 -20.45
N ILE B 40 3.20 -4.78 -19.64
CA ILE B 40 3.04 -5.53 -18.38
C ILE B 40 2.81 -7.04 -18.66
N VAL B 41 1.91 -7.33 -19.61
CA VAL B 41 1.65 -8.73 -20.09
C VAL B 41 2.94 -9.40 -20.53
N ARG B 42 3.72 -8.70 -21.30
CA ARG B 42 5.01 -9.21 -21.78
C ARG B 42 6.03 -9.42 -20.65
N TYR B 43 6.05 -8.51 -19.68
CA TYR B 43 6.94 -8.74 -18.53
C TYR B 43 6.52 -9.99 -17.75
N VAL B 44 5.23 -10.25 -17.62
CA VAL B 44 4.79 -11.46 -16.96
C VAL B 44 5.29 -12.75 -17.66
N ARG B 45 5.23 -12.78 -19.00
CA ARG B 45 5.65 -13.96 -19.79
C ARG B 45 7.18 -14.07 -19.69
N GLU B 46 7.88 -12.94 -19.65
CA GLU B 46 9.33 -13.04 -19.40
C GLU B 46 9.73 -13.56 -18.03
N ALA B 47 8.85 -13.48 -17.03
CA ALA B 47 9.20 -13.96 -15.71
C ALA B 47 9.35 -15.48 -15.71
N GLY B 48 8.71 -16.17 -16.66
CA GLY B 48 8.92 -17.65 -16.83
C GLY B 48 7.73 -18.27 -17.55
N GLU B 49 7.98 -19.44 -18.14
CA GLU B 49 6.95 -20.17 -18.90
C GLU B 49 5.75 -20.59 -18.12
N GLU B 50 5.88 -20.87 -16.83
CA GLU B 50 4.71 -21.20 -16.00
C GLU B 50 3.63 -20.07 -15.84
N PHE B 51 3.98 -18.79 -16.12
CA PHE B 51 3.06 -17.67 -15.89
C PHE B 51 2.13 -17.41 -17.04
N GLU B 52 0.84 -17.41 -16.74
CA GLU B 52 -0.16 -17.11 -17.77
C GLU B 52 -0.87 -15.81 -17.42
N PRO B 53 -0.58 -14.74 -18.17
CA PRO B 53 -1.28 -13.49 -17.90
C PRO B 53 -2.72 -13.52 -18.29
N VAL B 54 -3.60 -13.00 -17.43
CA VAL B 54 -4.97 -12.81 -17.77
C VAL B 54 -5.30 -11.33 -17.57
N TYR B 55 -5.21 -10.53 -18.64
CA TYR B 55 -5.54 -9.09 -18.56
C TYR B 55 -7.05 -8.86 -18.57
N ILE B 56 -7.62 -8.28 -17.51
CA ILE B 56 -9.04 -8.20 -17.36
C ILE B 56 -9.58 -6.81 -17.67
N GLY B 57 -8.75 -5.90 -18.15
CA GLY B 57 -9.25 -4.59 -18.62
C GLY B 57 -8.63 -3.40 -17.82
N PRO B 58 -8.90 -2.15 -18.22
CA PRO B 58 -9.78 -1.85 -19.36
C PRO B 58 -9.14 -2.06 -20.74
N HIS B 59 -10.01 -2.11 -21.75
CA HIS B 59 -9.52 -2.44 -23.06
C HIS B 59 -9.47 -1.24 -23.98
N SER B 60 -9.74 -0.05 -23.43
CA SER B 60 -9.61 1.22 -24.18
C SER B 60 -9.08 2.35 -23.27
N LEU B 61 -8.84 3.52 -23.90
CA LEU B 61 -8.45 4.78 -23.22
C LEU B 61 -9.56 5.48 -22.45
N GLU B 62 -10.81 5.00 -22.52
CA GLU B 62 -11.90 5.58 -21.73
C GLU B 62 -11.59 5.69 -20.20
N ARG B 63 -12.03 6.78 -19.58
CA ARG B 63 -11.81 7.02 -18.16
C ARG B 63 -12.63 6.05 -17.36
N VAL B 64 -12.01 5.36 -16.42
CA VAL B 64 -12.68 4.38 -15.62
C VAL B 64 -12.22 4.58 -14.18
N ASP B 65 -12.85 3.85 -13.28
CA ASP B 65 -12.61 3.91 -11.88
C ASP B 65 -11.70 2.73 -11.44
N TYR B 66 -10.45 3.07 -11.03
CA TYR B 66 -9.47 2.03 -10.53
C TYR B 66 -10.09 0.98 -9.54
N PRO B 67 -10.98 1.38 -8.62
CA PRO B 67 -11.44 0.33 -7.73
C PRO B 67 -12.19 -0.84 -8.39
N ASP B 68 -12.83 -0.60 -9.53
CA ASP B 68 -13.62 -1.65 -10.24
C ASP B 68 -12.65 -2.67 -10.70
N TYR B 69 -11.48 -2.25 -11.22
CA TYR B 69 -10.52 -3.18 -11.70
C TYR B 69 -9.68 -3.80 -10.58
N ALA B 70 -9.36 -3.00 -9.54
CA ALA B 70 -8.71 -3.54 -8.31
C ALA B 70 -9.46 -4.67 -7.65
N LEU B 71 -10.75 -4.41 -7.42
CA LEU B 71 -11.58 -5.34 -6.71
C LEU B 71 -11.84 -6.60 -7.53
N ASN B 72 -11.91 -6.43 -8.83
CA ASN B 72 -12.05 -7.53 -9.77
C ASN B 72 -10.85 -8.51 -9.74
N VAL B 73 -9.63 -7.97 -9.90
CA VAL B 73 -8.38 -8.77 -9.75
C VAL B 73 -8.31 -9.35 -8.36
N ALA B 74 -8.60 -8.53 -7.35
CA ALA B 74 -8.42 -8.99 -5.97
C ALA B 74 -9.37 -10.15 -5.67
N ARG B 75 -10.61 -9.98 -6.09
CA ARG B 75 -11.62 -11.04 -5.84
C ARG B 75 -11.24 -12.35 -6.53
N MET B 76 -10.67 -12.23 -7.72
CA MET B 76 -10.20 -13.41 -8.46
C MET B 76 -9.13 -14.17 -7.72
N VAL B 77 -8.16 -13.42 -7.22
CA VAL B 77 -7.06 -14.02 -6.48
C VAL B 77 -7.60 -14.61 -5.19
N ALA B 78 -8.48 -13.92 -4.48
CA ALA B 78 -8.98 -14.40 -3.20
C ALA B 78 -9.86 -15.65 -3.33
N ARG B 79 -10.57 -15.76 -4.45
CA ARG B 79 -11.41 -16.91 -4.69
C ARG B 79 -10.61 -18.02 -5.31
N GLY B 80 -9.35 -17.82 -5.63
CA GLY B 80 -8.58 -18.88 -6.29
C GLY B 80 -8.85 -19.03 -7.80
N GLU B 81 -9.52 -18.09 -8.41
CA GLU B 81 -9.60 -17.99 -9.87
C GLU B 81 -8.29 -17.54 -10.50
N ALA B 82 -7.39 -16.95 -9.69
CA ALA B 82 -6.07 -16.63 -10.21
C ALA B 82 -5.10 -16.79 -9.07
N ASP B 83 -3.84 -17.07 -9.39
CA ASP B 83 -2.81 -17.23 -8.32
C ASP B 83 -2.19 -15.90 -7.83
N VAL B 84 -2.01 -14.96 -8.71
CA VAL B 84 -1.30 -13.67 -8.40
C VAL B 84 -2.04 -12.59 -9.15
N GLY B 85 -2.07 -11.37 -8.57
CA GLY B 85 -2.51 -10.17 -9.24
C GLY B 85 -1.54 -9.08 -9.52
N ILE B 86 -1.76 -8.32 -10.58
CA ILE B 86 -0.93 -7.13 -10.88
C ILE B 86 -1.91 -6.01 -11.16
N LEU B 87 -1.76 -4.88 -10.46
CA LEU B 87 -2.61 -3.70 -10.65
C LEU B 87 -1.72 -2.50 -10.96
N VAL B 88 -2.09 -1.79 -12.04
CA VAL B 88 -1.40 -0.63 -12.52
C VAL B 88 -2.33 0.60 -12.60
N CYS B 89 -2.01 1.65 -11.82
CA CYS B 89 -2.69 2.96 -11.94
C CYS B 89 -1.54 3.98 -11.99
N GLY B 90 -1.86 5.23 -11.76
CA GLY B 90 -0.89 6.28 -11.84
C GLY B 90 0.27 6.08 -10.85
N SER B 91 -0.06 5.90 -9.59
CA SER B 91 0.92 5.75 -8.51
C SER B 91 0.97 4.37 -7.86
N GLY B 92 -0.08 3.56 -8.03
CA GLY B 92 -0.13 2.26 -7.33
C GLY B 92 -0.98 2.30 -6.06
N ILE B 93 -1.15 3.50 -5.49
CA ILE B 93 -1.73 3.66 -4.16
C ILE B 93 -3.22 3.32 -4.12
N GLY B 94 -4.01 3.88 -5.03
CA GLY B 94 -5.45 3.58 -5.05
C GLY B 94 -5.70 2.11 -5.25
N MET B 95 -4.94 1.49 -6.14
CA MET B 95 -5.00 0.02 -6.38
C MET B 95 -4.71 -0.73 -5.06
N SER B 96 -3.65 -0.33 -4.33
CA SER B 96 -3.32 -1.05 -3.12
C SER B 96 -4.35 -0.85 -2.06
N ILE B 97 -4.89 0.34 -1.92
CA ILE B 97 -5.95 0.55 -0.91
C ILE B 97 -7.20 -0.32 -1.23
N ALA B 98 -7.61 -0.28 -2.51
CA ALA B 98 -8.86 -1.00 -2.93
C ALA B 98 -8.67 -2.49 -2.85
N ALA B 99 -7.57 -2.99 -3.37
CA ALA B 99 -7.34 -4.44 -3.37
C ALA B 99 -7.32 -5.04 -1.95
N ASN B 100 -6.64 -4.32 -1.04
CA ASN B 100 -6.54 -4.75 0.32
C ASN B 100 -7.84 -4.78 1.09
N LYS B 101 -8.88 -4.12 0.57
CA LYS B 101 -10.18 -4.30 1.19
C LYS B 101 -10.77 -5.71 1.05
N VAL B 102 -10.28 -6.51 0.14
CA VAL B 102 -10.76 -7.87 -0.05
C VAL B 102 -10.13 -8.90 0.89
N PRO B 103 -10.95 -9.68 1.63
CA PRO B 103 -10.36 -10.61 2.55
C PRO B 103 -9.54 -11.64 1.82
N GLY B 104 -8.38 -11.98 2.39
CA GLY B 104 -7.44 -12.97 1.79
C GLY B 104 -6.40 -12.22 0.95
N ILE B 105 -6.58 -10.92 0.67
CA ILE B 105 -5.63 -10.23 -0.18
C ILE B 105 -4.53 -9.48 0.67
N ARG B 106 -3.34 -9.54 0.16
CA ARG B 106 -2.13 -8.89 0.65
C ARG B 106 -1.51 -8.23 -0.55
N ALA B 107 -1.90 -6.98 -0.77
CA ALA B 107 -1.50 -6.24 -1.93
C ALA B 107 -0.39 -5.26 -1.54
N ALA B 108 0.72 -5.40 -2.26
CA ALA B 108 1.92 -4.67 -2.03
C ALA B 108 2.21 -3.64 -3.14
N LEU B 109 2.28 -2.38 -2.74
CA LEU B 109 2.84 -1.30 -3.60
C LEU B 109 4.33 -1.44 -3.64
N CYS B 110 4.91 -1.73 -4.81
CA CYS B 110 6.35 -1.90 -4.97
C CYS B 110 6.89 -0.92 -5.98
N PHE B 111 8.10 -0.43 -5.71
CA PHE B 111 8.75 0.54 -6.53
C PHE B 111 10.18 0.28 -6.83
N ASP B 112 10.69 -0.88 -6.45
CA ASP B 112 12.06 -1.23 -6.73
C ASP B 112 12.27 -2.72 -6.47
N HIS B 113 13.48 -3.20 -6.70
CA HIS B 113 13.80 -4.63 -6.46
C HIS B 113 13.57 -5.04 -5.02
N TYR B 114 14.03 -4.21 -4.08
CA TYR B 114 14.01 -4.51 -2.68
C TYR B 114 12.60 -4.70 -2.24
N THR B 115 11.72 -3.74 -2.58
CA THR B 115 10.38 -3.84 -2.09
C THR B 115 9.65 -5.04 -2.72
N ALA B 116 9.98 -5.32 -3.98
CA ALA B 116 9.41 -6.48 -4.61
C ALA B 116 9.79 -7.80 -3.95
N VAL B 117 11.07 -7.95 -3.57
CA VAL B 117 11.58 -9.09 -2.79
C VAL B 117 10.85 -9.20 -1.45
N MET B 118 10.86 -8.12 -0.70
CA MET B 118 10.35 -8.18 0.66
C MET B 118 8.81 -8.38 0.72
N ALA B 119 8.09 -7.83 -0.26
CA ALA B 119 6.63 -8.03 -0.31
C ALA B 119 6.34 -9.53 -0.35
N ARG B 120 7.15 -10.24 -1.11
CA ARG B 120 7.01 -11.71 -1.21
C ARG B 120 7.56 -12.48 0.00
N GLN B 121 8.80 -12.18 0.30
CA GLN B 121 9.53 -12.91 1.35
C GLN B 121 8.93 -12.77 2.73
N HIS B 122 8.49 -11.56 3.07
CA HIS B 122 7.87 -11.28 4.36
C HIS B 122 6.35 -11.24 4.37
N ASN B 123 5.76 -10.60 3.38
CA ASN B 123 4.29 -10.37 3.42
C ASN B 123 3.51 -11.44 2.60
N ASP B 124 4.24 -12.36 1.94
CA ASP B 124 3.65 -13.32 0.99
C ASP B 124 2.59 -12.64 0.13
N ALA B 125 2.93 -11.49 -0.37
CA ALA B 125 2.01 -10.66 -1.08
C ALA B 125 1.50 -11.47 -2.34
N ASN B 126 0.19 -11.38 -2.54
CA ASN B 126 -0.48 -12.03 -3.69
C ASN B 126 -0.96 -11.06 -4.81
N VAL B 127 -0.87 -9.74 -4.60
CA VAL B 127 -1.13 -8.72 -5.57
C VAL B 127 0.00 -7.65 -5.46
N VAL B 128 0.64 -7.32 -6.57
CA VAL B 128 1.62 -6.23 -6.66
C VAL B 128 0.95 -5.01 -7.31
N CYS B 129 1.13 -3.82 -6.71
CA CYS B 129 0.51 -2.62 -7.24
C CYS B 129 1.62 -1.69 -7.68
N LEU B 130 1.42 -1.11 -8.87
CA LEU B 130 2.46 -0.37 -9.60
C LEU B 130 1.95 0.97 -10.09
N GLY B 131 2.88 1.91 -10.21
CA GLY B 131 2.56 3.25 -10.74
C GLY B 131 3.19 3.47 -12.09
N GLU B 132 2.34 3.63 -13.09
CA GLU B 132 2.78 3.99 -14.42
C GLU B 132 3.34 5.42 -14.47
N ARG B 133 2.82 6.32 -13.65
CA ARG B 133 3.30 7.71 -13.64
C ARG B 133 4.63 7.89 -12.88
N THR B 134 4.90 6.97 -11.97
CA THR B 134 6.07 7.11 -11.05
C THR B 134 7.24 6.28 -11.46
N THR B 135 6.96 5.06 -11.92
CA THR B 135 8.05 4.05 -12.05
C THR B 135 8.33 3.77 -13.56
N GLY B 136 9.60 3.80 -13.96
CA GLY B 136 9.95 3.71 -15.37
C GLY B 136 9.88 2.24 -15.84
N PRO B 137 9.86 2.02 -17.17
CA PRO B 137 9.52 0.65 -17.69
C PRO B 137 10.45 -0.49 -17.31
N ALA B 138 11.76 -0.23 -17.29
CA ALA B 138 12.67 -1.26 -16.90
C ALA B 138 12.53 -1.65 -15.40
N VAL B 139 12.06 -0.72 -14.58
CA VAL B 139 11.93 -1.02 -13.17
C VAL B 139 10.61 -1.70 -12.96
N LEU B 140 9.62 -1.31 -13.72
CA LEU B 140 8.40 -2.06 -13.64
C LEU B 140 8.58 -3.53 -14.01
N ARG B 141 9.32 -3.75 -15.08
CA ARG B 141 9.67 -5.09 -15.51
C ARG B 141 10.44 -5.83 -14.42
N GLU B 142 11.46 -5.16 -13.85
CA GLU B 142 12.22 -5.82 -12.75
C GLU B 142 11.32 -6.23 -11.61
N ILE B 143 10.45 -5.34 -11.22
CA ILE B 143 9.57 -5.58 -10.09
C ILE B 143 8.66 -6.81 -10.40
N ILE B 144 8.04 -6.82 -11.57
CA ILE B 144 7.11 -7.90 -11.95
C ILE B 144 7.82 -9.26 -11.96
N MET B 145 8.97 -9.28 -12.57
CA MET B 145 9.74 -10.53 -12.65
C MET B 145 10.12 -11.00 -11.26
N THR B 146 10.55 -10.05 -10.42
CA THR B 146 11.02 -10.37 -9.09
C THR B 146 9.81 -10.84 -8.26
N PHE B 147 8.71 -10.10 -8.35
CA PHE B 147 7.55 -10.44 -7.57
C PHE B 147 7.07 -11.89 -7.90
N LEU B 148 7.10 -12.24 -9.17
CA LEU B 148 6.58 -13.55 -9.62
C LEU B 148 7.54 -14.65 -9.28
N GLN B 149 8.84 -14.37 -9.28
CA GLN B 149 9.85 -15.40 -9.10
C GLN B 149 10.25 -15.62 -7.63
N THR B 150 9.94 -14.64 -6.79
CA THR B 150 10.37 -14.72 -5.38
C THR B 150 9.38 -15.48 -4.54
N PRO B 151 9.89 -16.46 -3.75
CA PRO B 151 9.03 -17.23 -2.85
C PRO B 151 8.87 -16.51 -1.47
N TYR B 152 7.85 -16.92 -0.72
CA TYR B 152 7.67 -16.56 0.65
C TYR B 152 8.80 -17.19 1.47
N SER B 153 9.37 -16.48 2.44
CA SER B 153 10.51 -17.05 3.23
C SER B 153 10.17 -18.30 4.08
N GLY B 154 8.91 -18.48 4.43
CA GLY B 154 8.47 -19.64 5.24
C GLY B 154 8.64 -19.41 6.74
N GLU B 155 9.15 -18.25 7.19
CA GLU B 155 9.41 -18.13 8.62
C GLU B 155 8.15 -17.93 9.45
N ASP B 156 8.11 -18.66 10.55
CA ASP B 156 6.94 -18.63 11.41
C ASP B 156 6.60 -17.22 12.00
N ARG B 157 7.61 -16.43 12.26
CA ARG B 157 7.31 -15.10 12.77
C ARG B 157 6.55 -14.20 11.75
N HIS B 158 6.80 -14.38 10.46
CA HIS B 158 5.98 -13.67 9.43
C HIS B 158 4.64 -14.32 9.32
N THR B 159 4.61 -15.66 9.37
CA THR B 159 3.31 -16.33 9.33
C THR B 159 2.36 -15.83 10.45
N GLN B 160 2.83 -15.73 11.68
CA GLN B 160 2.00 -15.23 12.79
C GLN B 160 1.49 -13.82 12.53
N ARG B 161 2.34 -12.98 11.95
CA ARG B 161 1.92 -11.64 11.53
C ARG B 161 0.80 -11.70 10.53
N LEU B 162 0.98 -12.49 9.50
CA LEU B 162 -0.02 -12.66 8.48
C LEU B 162 -1.36 -13.25 9.04
N GLU B 163 -1.30 -14.19 9.97
CA GLU B 163 -2.50 -14.69 10.70
C GLU B 163 -3.18 -13.56 11.46
N LYS B 164 -2.41 -12.60 12.02
CA LYS B 164 -3.03 -11.43 12.66
C LYS B 164 -3.79 -10.51 11.69
N ILE B 165 -3.31 -10.40 10.46
CA ILE B 165 -3.98 -9.61 9.47
C ILE B 165 -5.30 -10.31 9.10
N LYS B 166 -5.20 -11.60 8.86
CA LYS B 166 -6.37 -12.42 8.59
C LYS B 166 -7.43 -12.28 9.65
N ALA B 167 -7.04 -12.36 10.93
CA ALA B 167 -8.00 -12.23 12.03
C ALA B 167 -8.68 -10.86 11.99
N ALA B 168 -8.00 -9.82 11.50
CA ALA B 168 -8.61 -8.47 11.48
C ALA B 168 -9.66 -8.35 10.37
N GLU B 169 -9.60 -9.23 9.36
CA GLU B 169 -10.58 -9.22 8.26
C GLU B 169 -12.03 -9.63 8.71
N SER B 170 -12.15 -10.50 9.71
CA SER B 170 -13.48 -10.83 10.33
C SER B 170 -14.07 -9.69 11.19
S SO4 C . 11.93 -9.83 12.52
O1 SO4 C . 12.45 -8.48 12.25
O2 SO4 C . 11.01 -9.99 11.39
O3 SO4 C . 11.24 -10.06 13.82
O4 SO4 C . 13.02 -10.86 12.62
S SO4 D . 16.73 14.62 11.05
O1 SO4 D . 16.30 16.07 11.21
O2 SO4 D . 18.11 14.16 11.29
O3 SO4 D . 16.10 13.65 11.95
O4 SO4 D . 16.21 14.29 9.72
S SO4 E . -8.82 11.22 -14.10
O1 SO4 E . -8.97 12.65 -14.46
O2 SO4 E . -7.58 10.61 -14.69
O3 SO4 E . -8.75 11.09 -12.65
O4 SO4 E . -10.08 10.51 -14.55
#